data_8RFB
#
_entry.id   8RFB
#
_entity_poly.entity_id   1
_entity_poly.type   'polypeptide(L)'
_entity_poly.pdbx_seq_one_letter_code
;SMDAFEKVRTKLETQPQEEYEIINVEVKHGGFVYYQEGCCLVRSKDEEADNDNYEVLFNLEELKLDQPFIDCIRVAPDEK
YVAAKIRTEDSEASTCVIIKLSDQPVMEASFPNVSSFEWVKDEEDEDVLFYTFQRNLRCHDVYRATFGDNKRNECFYTEK
DPSYFVFLYLTKDSRFLTINIMNKTTSEVWLIDGLSPWDPPVLIQKRIHGVLYYVEHRDDELYILTNVGEPTEFKLMRTA
ADTPAIMNWDLFFTMKRNTKVIDLDMFKDHCVLFLKHSNLLYVNVIGLADDSVRSLKLPPWACGFIMDTNSDPKNCPFQL
CSPIRPPKYYTYKFAEGKLFEETGHEDPITKTSRVLRLEAKSKDGKLVPMTVFHKTDSEDLQKKPLLVHVYGAYGMDLKM
NFRPERRVLVDDGWILAYCHVRGGGELGLQWHADGRLTKKLNGLADLEACIKTLHGQGFSQPSLTTLTAFSAGGVLAGAL
CNSNPELVRAVTLEAPFLDVLNTMMDTTLPLTLEELEEWGNPSSDEKHKNYIKRYCPYQNIKPQHYPSIHITAYENDERV
PLKGIVSYTEKLKEAIAEHAKDTGEGYQTPNIILDIQPGGNHVIEDSHKKITAQIKFLYEELGLDSTSVFEDLKKYLKF
;
_entity_poly.pdbx_strand_id   A
#
# COMPACT_ATOMS: atom_id res chain seq x y z
N ILE A 23 9.41 -1.53 -10.48
CA ILE A 23 10.12 -1.70 -9.18
C ILE A 23 11.62 -1.44 -9.40
N ASN A 24 12.02 -1.17 -10.64
CA ASN A 24 13.45 -0.93 -10.96
C ASN A 24 13.97 0.22 -10.09
N VAL A 25 15.01 -0.04 -9.29
CA VAL A 25 15.54 1.00 -8.35
C VAL A 25 16.33 2.04 -9.18
N GLU A 26 16.11 3.33 -8.90
CA GLU A 26 16.86 4.40 -9.59
C GLU A 26 17.40 5.39 -8.56
N VAL A 27 18.73 5.57 -8.51
CA VAL A 27 19.35 6.52 -7.54
C VAL A 27 20.25 7.48 -8.32
N LYS A 28 20.01 8.78 -8.20
CA LYS A 28 20.83 9.79 -8.93
C LYS A 28 21.70 10.54 -7.92
N HIS A 29 23.03 10.51 -8.09
CA HIS A 29 23.95 11.17 -7.13
C HIS A 29 25.27 11.51 -7.82
N GLY A 30 25.86 12.67 -7.50
CA GLY A 30 27.09 13.08 -8.21
C GLY A 30 26.71 13.59 -9.59
N GLY A 31 25.40 13.71 -9.84
CA GLY A 31 24.91 14.21 -11.15
C GLY A 31 24.83 13.10 -12.18
N PHE A 32 25.15 11.86 -11.79
CA PHE A 32 24.97 10.72 -12.73
C PHE A 32 24.09 9.65 -12.05
N VAL A 33 23.13 9.08 -12.78
CA VAL A 33 22.17 8.12 -12.17
C VAL A 33 22.73 6.69 -12.20
N TYR A 34 22.31 5.87 -11.24
CA TYR A 34 22.81 4.47 -11.14
C TYR A 34 21.59 3.56 -11.16
N TYR A 35 21.49 2.69 -12.17
CA TYR A 35 20.31 1.79 -12.29
C TYR A 35 20.81 0.38 -12.59
N GLN A 36 20.01 -0.63 -12.25
CA GLN A 36 20.41 -2.04 -12.50
C GLN A 36 19.96 -2.48 -13.89
N GLU A 37 20.89 -2.89 -14.76
CA GLU A 37 20.46 -3.45 -16.08
C GLU A 37 21.29 -4.69 -16.40
N GLY A 38 20.72 -5.66 -17.12
CA GLY A 38 21.50 -6.84 -17.55
C GLY A 38 22.12 -7.57 -16.38
N CYS A 39 21.39 -7.74 -15.28
CA CYS A 39 21.88 -8.51 -14.11
C CYS A 39 23.28 -8.02 -13.72
N CYS A 40 23.48 -6.70 -13.65
CA CYS A 40 24.78 -6.15 -13.21
C CYS A 40 24.58 -4.70 -12.70
N LEU A 41 25.26 -4.34 -11.61
CA LEU A 41 25.18 -2.94 -11.12
C LEU A 41 25.66 -2.01 -12.24
N VAL A 42 24.86 -1.00 -12.59
CA VAL A 42 25.22 -0.15 -13.76
C VAL A 42 25.32 1.33 -13.35
N ARG A 43 26.33 2.04 -13.83
CA ARG A 43 26.45 3.50 -13.56
C ARG A 43 26.20 4.25 -14.86
N SER A 44 25.18 5.11 -14.90
CA SER A 44 24.81 5.80 -16.17
C SER A 44 25.21 7.28 -16.09
N LYS A 45 25.72 7.83 -17.20
CA LYS A 45 26.10 9.28 -17.24
C LYS A 45 25.08 10.09 -16.45
N ASP A 52 23.37 6.32 -24.61
CA ASP A 52 23.08 4.91 -24.20
C ASP A 52 24.39 4.22 -23.80
N ASN A 53 25.23 4.93 -23.04
CA ASN A 53 26.52 4.34 -22.57
C ASN A 53 26.49 4.24 -21.04
N TYR A 54 26.83 3.07 -20.50
CA TYR A 54 26.79 2.86 -19.03
C TYR A 54 28.08 2.15 -18.61
N GLU A 55 28.47 2.33 -17.35
CA GLU A 55 29.70 1.67 -16.81
C GLU A 55 29.26 0.67 -15.75
N VAL A 56 29.77 -0.57 -15.81
CA VAL A 56 29.24 -1.59 -14.86
C VAL A 56 30.09 -1.57 -13.59
N LEU A 57 29.53 -1.06 -12.49
CA LEU A 57 30.26 -1.12 -11.19
C LEU A 57 30.44 -2.57 -10.74
N PHE A 58 29.40 -3.39 -10.89
CA PHE A 58 29.46 -4.78 -10.38
C PHE A 58 28.66 -5.73 -11.27
N ASN A 59 29.02 -7.02 -11.31
CA ASN A 59 28.22 -8.03 -12.06
C ASN A 59 27.46 -8.88 -11.05
N LEU A 60 26.15 -8.70 -10.95
CA LEU A 60 25.36 -9.39 -9.90
C LEU A 60 25.51 -10.91 -10.04
N GLU A 61 25.98 -11.37 -11.20
CA GLU A 61 26.09 -12.83 -11.43
C GLU A 61 27.07 -13.43 -10.43
N GLU A 62 28.17 -12.73 -10.16
CA GLU A 62 29.21 -13.24 -9.23
C GLU A 62 28.56 -13.67 -7.91
N LEU A 63 27.49 -13.01 -7.49
CA LEU A 63 26.89 -13.32 -6.21
C LEU A 63 26.23 -14.68 -6.23
N LYS A 64 26.24 -15.35 -7.39
CA LYS A 64 25.62 -16.65 -7.56
C LYS A 64 24.13 -16.64 -7.21
N LEU A 65 23.45 -15.57 -7.60
CA LEU A 65 22.00 -15.46 -7.34
C LEU A 65 21.25 -15.74 -8.64
N ASP A 66 19.95 -16.02 -8.56
CA ASP A 66 19.15 -16.23 -9.80
C ASP A 66 18.15 -15.08 -9.92
N GLN A 67 18.13 -14.40 -11.07
CA GLN A 67 17.23 -13.23 -11.25
C GLN A 67 17.46 -12.20 -10.14
N PRO A 68 18.69 -11.82 -9.70
CA PRO A 68 18.81 -10.88 -8.59
C PRO A 68 18.29 -9.48 -8.99
N PHE A 69 17.40 -8.91 -8.16
CA PHE A 69 16.84 -7.57 -8.47
C PHE A 69 17.23 -6.58 -7.38
N ILE A 70 17.72 -5.41 -7.78
CA ILE A 70 18.20 -4.40 -6.79
C ILE A 70 16.99 -3.66 -6.20
N ASP A 71 16.83 -3.70 -4.88
CA ASP A 71 15.73 -3.02 -4.18
C ASP A 71 16.15 -1.66 -3.67
N CYS A 72 17.40 -1.50 -3.31
CA CYS A 72 17.81 -0.22 -2.77
C CYS A 72 19.22 0.14 -3.12
N ILE A 73 19.43 1.39 -3.53
CA ILE A 73 20.75 1.91 -3.84
C ILE A 73 21.03 3.17 -3.02
N ARG A 74 22.16 3.22 -2.34
CA ARG A 74 22.58 4.41 -1.61
C ARG A 74 24.03 4.72 -1.97
N VAL A 75 24.25 5.93 -2.44
CA VAL A 75 25.56 6.35 -2.90
C VAL A 75 26.28 7.16 -1.85
N ALA A 76 27.52 6.82 -1.57
CA ALA A 76 28.25 7.56 -0.56
C ALA A 76 28.35 9.03 -1.00
N PRO A 77 28.18 10.00 -0.10
CA PRO A 77 28.26 11.42 -0.36
C PRO A 77 29.47 11.89 -1.15
N ASP A 78 30.63 11.26 -0.95
CA ASP A 78 31.84 11.64 -1.66
C ASP A 78 32.20 10.61 -2.74
N GLU A 79 31.24 9.77 -3.09
CA GLU A 79 31.38 8.75 -4.12
C GLU A 79 32.61 7.88 -4.02
N LYS A 80 32.86 7.34 -2.83
CA LYS A 80 33.97 6.42 -2.70
C LYS A 80 33.44 5.01 -2.70
N TYR A 81 32.20 4.86 -2.26
CA TYR A 81 31.52 3.59 -2.15
C TYR A 81 30.07 3.73 -2.58
N VAL A 82 29.51 2.65 -3.08
CA VAL A 82 28.07 2.58 -3.31
C VAL A 82 27.55 1.30 -2.66
N ALA A 83 26.44 1.40 -1.97
CA ALA A 83 25.88 0.21 -1.34
C ALA A 83 24.53 -0.10 -1.93
N ALA A 84 24.22 -1.37 -2.07
CA ALA A 84 22.90 -1.70 -2.55
C ALA A 84 22.42 -3.03 -2.00
N LYS A 85 21.11 -3.21 -1.91
CA LYS A 85 20.65 -4.53 -1.46
C LYS A 85 19.94 -5.23 -2.59
N ILE A 86 20.37 -6.47 -2.73
CA ILE A 86 20.02 -7.39 -3.78
C ILE A 86 19.23 -8.61 -3.29
N ARG A 87 18.06 -8.80 -3.89
CA ARG A 87 17.12 -9.86 -3.56
C ARG A 87 16.72 -10.73 -4.75
N THR A 88 16.39 -11.99 -4.47
CA THR A 88 15.87 -12.92 -5.49
C THR A 88 14.49 -13.37 -5.06
N GLU A 89 13.77 -14.00 -5.97
CA GLU A 89 12.46 -14.53 -5.63
C GLU A 89 12.59 -15.76 -4.77
N ASP A 90 11.52 -16.05 -4.04
CA ASP A 90 11.42 -17.16 -3.11
C ASP A 90 12.51 -17.12 -2.05
N SER A 91 12.79 -15.93 -1.56
CA SER A 91 13.74 -15.70 -0.50
C SER A 91 13.34 -14.50 0.31
N GLU A 92 13.14 -14.70 1.60
CA GLU A 92 12.80 -13.62 2.51
C GLU A 92 14.02 -12.74 2.69
N ALA A 93 15.17 -13.41 2.74
CA ALA A 93 16.46 -12.81 2.92
C ALA A 93 16.98 -12.16 1.65
N SER A 94 17.76 -11.11 1.85
CA SER A 94 18.48 -10.37 0.82
C SER A 94 19.84 -10.01 1.40
N THR A 95 20.78 -9.60 0.53
CA THR A 95 22.13 -9.20 0.97
C THR A 95 22.55 -7.83 0.49
N CYS A 96 23.20 -7.06 1.37
CA CYS A 96 23.70 -5.76 0.98
C CYS A 96 25.15 -5.85 0.54
N VAL A 97 25.41 -5.35 -0.64
CA VAL A 97 26.72 -5.40 -1.23
C VAL A 97 27.30 -4.01 -1.43
N ILE A 98 28.52 -3.82 -0.92
CA ILE A 98 29.19 -2.55 -1.00
C ILE A 98 30.33 -2.62 -1.98
N ILE A 99 30.26 -1.74 -2.96
CA ILE A 99 31.24 -1.67 -4.03
C ILE A 99 32.04 -0.40 -3.88
N LYS A 100 33.35 -0.50 -4.12
CA LYS A 100 34.14 0.75 -4.14
C LYS A 100 33.62 1.59 -5.32
N LEU A 101 33.37 2.88 -5.09
CA LEU A 101 32.88 3.80 -6.16
C LEU A 101 34.13 4.45 -6.76
N SER A 102 35.31 3.99 -6.34
CA SER A 102 36.59 4.48 -6.88
C SER A 102 36.69 3.96 -8.31
N ASP A 103 37.65 4.49 -9.08
CA ASP A 103 37.86 4.01 -10.47
C ASP A 103 37.84 2.48 -10.48
N GLN A 104 38.11 1.88 -9.32
CA GLN A 104 38.08 0.40 -9.21
C GLN A 104 36.65 -0.05 -8.90
N PRO A 105 35.94 -0.69 -9.84
CA PRO A 105 34.60 -1.18 -9.58
C PRO A 105 34.72 -2.56 -8.91
N VAL A 106 35.42 -2.62 -7.78
CA VAL A 106 35.66 -3.92 -7.09
C VAL A 106 34.82 -3.97 -5.81
N MET A 107 34.60 -5.17 -5.26
CA MET A 107 33.75 -5.30 -4.05
C MET A 107 34.56 -4.93 -2.81
N GLU A 108 33.95 -4.20 -1.88
CA GLU A 108 34.60 -3.85 -0.63
C GLU A 108 34.13 -4.74 0.50
N ALA A 109 32.83 -4.94 0.54
CA ALA A 109 32.22 -5.66 1.64
C ALA A 109 30.82 -6.12 1.29
N SER A 110 30.29 -7.01 2.09
CA SER A 110 28.90 -7.37 1.96
C SER A 110 28.38 -7.76 3.32
N PHE A 111 27.05 -7.63 3.48
CA PHE A 111 26.35 -7.97 4.74
C PHE A 111 24.97 -8.54 4.44
N PRO A 112 24.64 -9.78 4.88
CA PRO A 112 23.33 -10.37 4.70
C PRO A 112 22.25 -9.78 5.60
N ASN A 113 21.01 -9.92 5.17
CA ASN A 113 19.83 -9.60 5.96
C ASN A 113 19.73 -8.18 6.48
N VAL A 114 20.07 -7.24 5.63
CA VAL A 114 20.01 -5.83 5.96
C VAL A 114 18.68 -5.24 5.50
N SER A 115 17.94 -4.68 6.45
CA SER A 115 16.63 -4.11 6.19
C SER A 115 16.75 -2.77 5.52
N SER A 116 17.68 -1.97 6.02
CA SER A 116 17.90 -0.64 5.45
C SER A 116 19.28 -0.14 5.73
N PHE A 117 19.71 0.84 4.95
CA PHE A 117 21.01 1.43 5.13
C PHE A 117 21.07 2.84 4.60
N GLU A 118 22.03 3.63 5.10
CA GLU A 118 22.24 5.00 4.62
C GLU A 118 23.68 5.48 4.86
N TRP A 119 24.14 6.44 4.08
CA TRP A 119 25.48 6.97 4.27
C TRP A 119 25.57 8.31 4.97
N VAL A 120 26.58 8.44 5.81
CA VAL A 120 26.87 9.71 6.49
C VAL A 120 28.32 10.13 6.24
N LYS A 121 28.53 11.40 5.88
CA LYS A 121 29.92 11.89 5.65
C LYS A 121 30.54 12.27 7.00
N ASP A 122 31.64 11.60 7.37
CA ASP A 122 32.31 11.86 8.67
C ASP A 122 32.97 13.26 8.62
N GLU A 123 33.30 13.82 9.79
CA GLU A 123 34.02 15.13 9.82
C GLU A 123 35.37 14.93 9.12
N GLU A 124 35.89 13.70 9.10
CA GLU A 124 37.17 13.40 8.41
C GLU A 124 36.87 13.06 6.95
N ASP A 125 35.64 13.33 6.49
CA ASP A 125 35.23 13.06 5.08
C ASP A 125 35.20 11.55 4.82
N GLU A 126 35.15 10.75 5.89
CA GLU A 126 35.06 9.27 5.74
C GLU A 126 33.58 8.89 5.58
N ASP A 127 33.20 8.40 4.40
CA ASP A 127 31.79 8.00 4.15
C ASP A 127 31.51 6.71 4.94
N VAL A 128 30.72 6.79 6.01
CA VAL A 128 30.46 5.63 6.83
C VAL A 128 29.06 5.15 6.57
N LEU A 129 28.91 3.85 6.46
CA LEU A 129 27.60 3.31 6.16
C LEU A 129 26.88 2.83 7.38
N PHE A 130 25.70 3.35 7.61
CA PHE A 130 24.93 2.87 8.73
C PHE A 130 23.95 1.87 8.21
N TYR A 131 23.81 0.75 8.89
CA TYR A 131 22.84 -0.21 8.40
C TYR A 131 22.16 -0.98 9.51
N THR A 132 20.96 -1.44 9.19
CA THR A 132 20.16 -2.19 10.14
C THR A 132 19.87 -3.59 9.68
N PHE A 133 20.25 -4.57 10.50
CA PHE A 133 19.94 -5.99 10.21
C PHE A 133 19.24 -6.55 11.44
N GLN A 134 19.07 -7.87 11.53
CA GLN A 134 18.48 -8.42 12.78
C GLN A 134 19.27 -9.65 13.23
N ARG A 135 19.67 -9.69 14.51
CA ARG A 135 20.38 -10.87 15.05
C ARG A 135 19.31 -11.92 15.36
N ASN A 136 18.90 -12.70 14.35
CA ASN A 136 17.82 -13.70 14.53
C ASN A 136 16.49 -12.94 14.74
N LEU A 137 15.48 -13.62 15.27
CA LEU A 137 14.19 -12.95 15.59
C LEU A 137 14.30 -12.35 16.99
N ARG A 138 15.46 -12.49 17.62
CA ARG A 138 15.66 -11.93 18.98
C ARG A 138 15.56 -10.40 18.93
N CYS A 139 16.41 -9.73 18.15
CA CYS A 139 16.40 -8.24 18.15
C CYS A 139 17.03 -7.68 16.87
N HIS A 140 16.72 -6.44 16.51
CA HIS A 140 17.37 -5.78 15.34
C HIS A 140 18.55 -4.96 15.86
N ASP A 141 19.43 -4.51 14.97
CA ASP A 141 20.65 -3.80 15.45
C ASP A 141 21.16 -2.80 14.40
N VAL A 142 21.69 -1.66 14.84
CA VAL A 142 22.29 -0.73 13.91
C VAL A 142 23.79 -0.63 14.07
N TYR A 143 24.48 -0.90 12.95
CA TYR A 143 25.95 -0.86 12.95
C TYR A 143 26.45 0.17 11.94
N ARG A 144 27.63 0.72 12.18
CA ARG A 144 28.29 1.70 11.33
C ARG A 144 29.54 1.10 10.71
N ALA A 145 29.56 0.96 9.39
CA ALA A 145 30.71 0.37 8.70
C ALA A 145 31.67 1.42 8.16
N THR A 146 32.87 1.38 8.71
CA THR A 146 33.98 2.26 8.34
C THR A 146 34.96 1.50 7.47
N PHE A 147 35.39 2.09 6.35
CA PHE A 147 36.26 1.31 5.47
C PHE A 147 37.70 1.83 5.35
N GLY A 148 37.88 3.14 5.38
CA GLY A 148 39.18 3.75 5.08
C GLY A 148 40.33 3.33 5.99
N ASP A 149 40.06 3.12 7.26
CA ASP A 149 41.07 2.70 8.21
C ASP A 149 40.72 1.36 8.81
N ASN A 150 39.86 0.61 8.12
CA ASN A 150 39.44 -0.72 8.53
C ASN A 150 38.81 -0.82 9.93
N LYS A 151 37.95 0.12 10.34
CA LYS A 151 37.33 -0.04 11.67
C LYS A 151 36.10 -0.94 11.59
N ARG A 152 35.54 -1.08 10.39
CA ARG A 152 34.41 -1.92 10.10
C ARG A 152 33.18 -1.73 10.97
N ASN A 153 32.63 -2.82 11.51
CA ASN A 153 31.33 -2.76 12.17
C ASN A 153 31.20 -2.38 13.64
N GLU A 154 31.02 -1.09 13.89
CA GLU A 154 30.82 -0.60 15.26
C GLU A 154 29.31 -0.57 15.57
N CYS A 155 28.89 -1.04 16.75
CA CYS A 155 27.45 -1.05 17.06
C CYS A 155 26.96 0.24 17.72
N PHE A 156 25.89 0.81 17.18
CA PHE A 156 25.37 2.09 17.71
C PHE A 156 24.01 1.89 18.41
N TYR A 157 23.23 0.91 17.96
CA TYR A 157 21.94 0.65 18.58
C TYR A 157 21.62 -0.81 18.66
N THR A 158 21.10 -1.24 19.80
CA THR A 158 20.64 -2.60 19.91
C THR A 158 19.19 -2.62 20.31
N GLU A 159 18.47 -3.59 19.79
CA GLU A 159 17.05 -3.72 20.10
C GLU A 159 16.79 -4.66 21.27
N LYS A 160 15.66 -4.47 21.94
CA LYS A 160 15.21 -5.32 23.04
C LYS A 160 13.87 -6.02 22.77
N ASP A 161 12.98 -5.37 21.99
CA ASP A 161 11.60 -5.84 21.77
C ASP A 161 11.32 -6.22 20.30
N PRO A 162 11.18 -7.53 19.95
CA PRO A 162 11.02 -8.09 18.62
C PRO A 162 9.82 -7.57 17.85
N SER A 163 8.85 -6.97 18.53
CA SER A 163 7.66 -6.46 17.85
C SER A 163 7.93 -5.15 17.12
N TYR A 164 9.06 -4.52 17.43
CA TYR A 164 9.37 -3.20 16.81
C TYR A 164 10.28 -3.42 15.61
N PHE A 165 10.20 -2.52 14.63
CA PHE A 165 11.10 -2.62 13.44
C PHE A 165 11.99 -1.38 13.40
N VAL A 166 13.30 -1.58 13.27
CA VAL A 166 14.26 -0.44 13.23
C VAL A 166 14.52 -0.07 11.77
N PHE A 167 14.36 1.21 11.43
CA PHE A 167 14.56 1.65 10.03
C PHE A 167 15.38 2.95 10.05
N LEU A 168 16.23 3.16 9.04
CA LEU A 168 17.06 4.35 9.04
C LEU A 168 16.57 5.36 8.05
N TYR A 169 16.70 6.61 8.43
CA TYR A 169 16.37 7.71 7.56
C TYR A 169 17.26 8.89 7.79
N LEU A 170 17.78 9.45 6.73
CA LEU A 170 18.60 10.63 6.86
C LEU A 170 17.82 11.75 6.27
N THR A 171 17.82 12.90 6.91
CA THR A 171 17.08 13.98 6.30
C THR A 171 17.83 14.65 5.15
N LYS A 172 17.19 15.57 4.47
CA LYS A 172 17.75 16.17 3.27
C LYS A 172 19.04 16.96 3.40
N ASP A 173 19.25 17.62 4.51
CA ASP A 173 20.45 18.40 4.70
C ASP A 173 21.42 17.61 5.53
N SER A 174 21.12 16.31 5.69
CA SER A 174 22.01 15.39 6.43
C SER A 174 22.36 15.94 7.82
N ARG A 175 21.52 16.83 8.36
CA ARG A 175 21.77 17.34 9.72
C ARG A 175 21.71 16.20 10.74
N PHE A 176 20.74 15.28 10.59
CA PHE A 176 20.57 14.23 11.62
C PHE A 176 20.16 12.89 11.01
N LEU A 177 20.90 11.83 11.32
CA LEU A 177 20.51 10.50 10.89
C LEU A 177 19.53 10.03 11.92
N THR A 178 18.39 9.59 11.46
CA THR A 178 17.36 9.16 12.36
C THR A 178 17.23 7.66 12.44
N ILE A 179 17.18 7.17 13.68
CA ILE A 179 16.89 5.77 13.89
C ILE A 179 15.47 5.70 14.37
N ASN A 180 14.63 5.12 13.54
CA ASN A 180 13.21 5.02 13.80
C ASN A 180 12.84 3.66 14.32
N ILE A 181 12.34 3.62 15.53
CA ILE A 181 11.93 2.36 16.13
C ILE A 181 10.42 2.35 15.95
N MET A 182 9.88 1.43 15.17
CA MET A 182 8.45 1.54 14.91
C MET A 182 7.58 0.31 15.00
N ASN A 183 6.34 0.58 15.37
CA ASN A 183 5.26 -0.37 15.44
C ASN A 183 4.03 0.30 14.80
N LYS A 184 2.89 -0.29 14.78
CA LYS A 184 1.79 0.40 14.09
C LYS A 184 1.14 1.39 15.05
N THR A 185 1.20 1.08 16.38
CA THR A 185 0.56 2.01 17.30
C THR A 185 1.49 3.01 17.95
N THR A 186 2.78 2.76 17.94
CA THR A 186 3.73 3.62 18.64
C THR A 186 5.10 3.66 18.00
N SER A 187 5.83 4.75 18.23
CA SER A 187 7.19 4.85 17.74
C SER A 187 8.11 5.59 18.71
N GLU A 188 9.41 5.42 18.49
CA GLU A 188 10.43 6.09 19.29
C GLU A 188 11.53 6.57 18.36
N VAL A 189 12.02 7.78 18.58
CA VAL A 189 13.03 8.29 17.67
C VAL A 189 14.34 8.70 18.33
N TRP A 190 15.44 8.17 17.79
CA TRP A 190 16.78 8.48 18.25
C TRP A 190 17.57 9.20 17.16
N LEU A 191 18.32 10.24 17.55
CA LEU A 191 19.02 11.05 16.53
C LEU A 191 20.52 10.80 16.59
N ILE A 192 21.17 10.69 15.42
CA ILE A 192 22.65 10.56 15.38
C ILE A 192 23.15 11.81 14.67
N ASP A 193 24.12 12.51 15.24
CA ASP A 193 24.54 13.80 14.63
C ASP A 193 25.10 13.53 13.24
N GLY A 194 24.74 14.38 12.27
CA GLY A 194 25.30 14.24 10.92
C GLY A 194 26.66 14.90 10.86
N LEU A 195 27.06 15.55 11.96
CA LEU A 195 28.35 16.19 12.01
C LEU A 195 29.26 15.45 12.97
N SER A 196 28.75 14.38 13.56
CA SER A 196 29.53 13.59 14.49
C SER A 196 29.00 12.15 14.49
N PRO A 197 29.27 11.35 13.45
CA PRO A 197 28.76 10.01 13.22
C PRO A 197 29.14 9.01 14.31
N TRP A 198 30.14 9.37 15.12
CA TRP A 198 30.65 8.43 16.15
C TRP A 198 29.89 8.63 17.47
N ASP A 199 29.11 9.70 17.59
CA ASP A 199 28.44 9.93 18.87
C ASP A 199 27.34 8.93 19.13
N PRO A 200 27.03 8.60 20.40
CA PRO A 200 25.92 7.77 20.76
C PRO A 200 24.64 8.45 20.26
N PRO A 201 23.61 7.71 19.87
CA PRO A 201 22.31 8.22 19.49
C PRO A 201 21.67 8.92 20.68
N VAL A 202 20.90 9.95 20.43
CA VAL A 202 20.19 10.61 21.50
C VAL A 202 18.69 10.46 21.35
N LEU A 203 18.04 10.09 22.44
CA LEU A 203 16.61 9.91 22.42
C LEU A 203 15.88 11.23 22.44
N ILE A 204 14.89 11.39 21.56
CA ILE A 204 14.11 12.62 21.61
C ILE A 204 13.03 12.47 22.66
N GLN A 205 12.26 11.41 22.55
CA GLN A 205 11.21 11.14 23.51
C GLN A 205 10.97 9.66 23.70
N LYS A 206 11.00 9.22 24.95
CA LYS A 206 10.74 7.82 25.25
C LYS A 206 9.34 7.46 24.79
N ARG A 207 9.23 6.31 24.14
CA ARG A 207 7.99 5.81 23.56
C ARG A 207 6.79 5.84 24.49
N ILE A 208 5.69 6.32 23.94
CA ILE A 208 4.41 6.37 24.62
C ILE A 208 3.50 5.47 23.82
N HIS A 209 2.89 4.47 24.45
CA HIS A 209 2.09 3.60 23.61
C HIS A 209 0.92 4.39 23.06
N GLY A 210 0.67 4.19 21.78
CA GLY A 210 -0.40 4.83 21.06
C GLY A 210 0.08 6.08 20.31
N VAL A 211 1.33 6.51 20.54
CA VAL A 211 1.82 7.70 19.88
C VAL A 211 2.96 7.47 18.89
N LEU A 212 2.74 7.88 17.64
CA LEU A 212 3.80 7.75 16.61
C LEU A 212 4.35 9.14 16.28
N TYR A 213 5.68 9.25 16.16
CA TYR A 213 6.30 10.57 15.80
C TYR A 213 7.26 10.41 14.64
N TYR A 214 7.26 11.38 13.72
CA TYR A 214 8.15 11.40 12.58
C TYR A 214 8.91 12.71 12.68
N VAL A 215 10.22 12.68 12.45
CA VAL A 215 11.01 13.88 12.70
C VAL A 215 11.78 14.47 11.53
N GLU A 216 11.61 15.77 11.31
CA GLU A 216 12.36 16.48 10.27
C GLU A 216 13.06 17.72 10.81
N HIS A 217 14.22 18.03 10.22
CA HIS A 217 15.01 19.18 10.72
C HIS A 217 15.00 20.34 9.73
N ARG A 218 14.86 21.58 10.21
CA ARG A 218 14.96 22.72 9.34
C ARG A 218 16.17 23.62 9.66
N ASP A 219 16.28 24.10 10.90
CA ASP A 219 17.37 25.06 11.20
C ASP A 219 17.77 25.07 12.68
N ASP A 220 18.34 23.95 13.15
CA ASP A 220 18.67 23.66 14.54
C ASP A 220 17.40 23.73 15.37
N GLU A 221 16.33 23.40 14.67
CA GLU A 221 14.97 23.34 15.11
C GLU A 221 14.34 22.21 14.36
N LEU A 222 13.58 21.41 15.09
CA LEU A 222 12.88 20.26 14.58
C LEU A 222 11.39 20.50 14.49
N TYR A 223 10.82 19.85 13.49
CA TYR A 223 9.39 19.82 13.32
C TYR A 223 8.97 18.39 13.50
N ILE A 224 8.00 18.18 14.34
CA ILE A 224 7.62 16.83 14.63
C ILE A 224 6.21 16.55 14.17
N LEU A 225 6.05 15.49 13.41
CA LEU A 225 4.72 15.09 13.01
C LEU A 225 4.27 14.05 14.00
N THR A 226 3.16 14.32 14.66
CA THR A 226 2.72 13.41 15.70
C THR A 226 1.27 13.40 16.06
N ASN A 227 0.86 12.28 16.63
CA ASN A 227 -0.48 12.12 17.17
C ASN A 227 -0.44 11.99 18.70
N VAL A 228 0.53 12.63 19.32
CA VAL A 228 0.64 12.61 20.77
C VAL A 228 -0.61 13.22 21.40
N GLY A 229 -1.12 12.56 22.43
CA GLY A 229 -2.30 13.01 23.16
C GLY A 229 -3.61 12.52 22.54
N GLU A 230 -3.85 12.89 21.29
CA GLU A 230 -5.06 12.49 20.56
C GLU A 230 -4.75 11.57 19.36
N PRO A 231 -4.95 10.24 19.48
CA PRO A 231 -4.62 9.21 18.51
C PRO A 231 -5.16 9.44 17.10
N THR A 232 -6.29 10.11 16.99
CA THR A 232 -6.94 10.38 15.73
C THR A 232 -6.57 11.70 15.07
N GLU A 233 -5.65 12.44 15.70
CA GLU A 233 -5.31 13.79 15.18
C GLU A 233 -3.80 13.94 15.01
N PHE A 234 -3.32 14.02 13.78
CA PHE A 234 -1.87 14.26 13.54
C PHE A 234 -1.63 15.78 13.53
N LYS A 235 -0.54 16.24 14.17
CA LYS A 235 -0.30 17.70 14.29
C LYS A 235 1.18 18.01 14.05
N LEU A 236 1.50 19.26 13.71
CA LEU A 236 2.92 19.68 13.54
C LEU A 236 3.38 20.35 14.83
N MET A 237 4.34 19.74 15.54
CA MET A 237 4.85 20.34 16.80
C MET A 237 6.32 20.75 16.60
N ARG A 238 6.65 22.01 16.88
CA ARG A 238 8.03 22.51 16.63
C ARG A 238 8.79 22.58 17.96
N THR A 239 10.13 22.48 17.91
CA THR A 239 10.96 22.54 19.13
C THR A 239 12.43 22.74 18.72
N ALA A 240 13.24 23.35 19.58
CA ALA A 240 14.64 23.53 19.26
C ALA A 240 15.30 22.17 19.23
N ALA A 241 16.29 21.99 18.37
CA ALA A 241 16.95 20.70 18.30
C ALA A 241 17.58 20.32 19.64
N ASP A 242 17.93 21.30 20.45
CA ASP A 242 18.56 21.05 21.73
C ASP A 242 17.56 20.93 22.88
N THR A 243 16.26 20.98 22.58
CA THR A 243 15.23 20.86 23.61
C THR A 243 14.14 19.84 23.18
N PRO A 244 14.51 18.56 22.98
CA PRO A 244 13.69 17.49 22.43
C PRO A 244 12.47 16.96 23.21
N ALA A 245 12.38 17.18 24.52
CA ALA A 245 11.29 16.60 25.32
C ALA A 245 9.92 17.13 24.94
N ILE A 246 8.87 16.29 25.07
CA ILE A 246 7.50 16.73 24.74
C ILE A 246 7.10 17.97 25.50
N MET A 247 7.50 18.07 26.75
CA MET A 247 7.13 19.18 27.59
C MET A 247 7.62 20.52 27.05
N ASN A 248 8.61 20.50 26.17
CA ASN A 248 9.17 21.71 25.61
C ASN A 248 8.65 22.00 24.20
N TRP A 249 7.70 21.19 23.72
CA TRP A 249 7.23 21.34 22.31
C TRP A 249 6.11 22.37 22.22
N ASP A 250 6.15 23.24 21.21
CA ASP A 250 5.05 24.16 20.99
C ASP A 250 4.21 23.61 19.84
N LEU A 251 3.13 24.29 19.49
CA LEU A 251 2.28 23.86 18.39
C LEU A 251 2.44 24.73 17.17
N PHE A 252 2.66 24.09 16.01
CA PHE A 252 2.89 24.89 14.77
C PHE A 252 1.67 24.83 13.85
N PHE A 253 1.11 23.65 13.60
CA PHE A 253 0.01 23.50 12.64
C PHE A 253 -0.84 22.26 12.92
N THR A 254 -2.16 22.32 12.74
CA THR A 254 -2.94 21.11 12.94
C THR A 254 -3.70 20.68 11.72
N MET A 255 -3.77 19.37 11.48
CA MET A 255 -4.51 18.81 10.31
C MET A 255 -5.93 18.47 10.77
N LYS A 256 -6.88 18.33 9.84
CA LYS A 256 -8.27 17.95 10.19
C LYS A 256 -8.24 16.58 10.88
N ARG A 257 -9.17 16.34 11.80
CA ARG A 257 -9.17 15.07 12.57
C ARG A 257 -9.41 13.89 11.63
N ASN A 258 -8.70 12.77 11.84
CA ASN A 258 -8.92 11.53 11.05
C ASN A 258 -8.42 11.67 9.61
N THR A 259 -7.66 12.72 9.28
CA THR A 259 -7.12 12.76 7.94
C THR A 259 -5.91 11.84 7.97
N LYS A 260 -5.45 11.42 6.80
CA LYS A 260 -4.29 10.57 6.68
C LYS A 260 -3.11 11.33 6.13
N VAL A 261 -2.01 11.32 6.85
CA VAL A 261 -0.87 12.01 6.32
C VAL A 261 -0.14 11.03 5.47
N ILE A 262 0.10 11.35 4.20
CA ILE A 262 0.78 10.36 3.39
C ILE A 262 2.26 10.70 3.36
N ASP A 263 2.56 11.99 3.34
CA ASP A 263 3.93 12.46 3.29
C ASP A 263 4.09 13.88 3.80
N LEU A 264 5.32 14.22 4.18
CA LEU A 264 5.71 15.56 4.57
C LEU A 264 7.09 15.83 4.02
N ASP A 265 7.14 16.73 3.06
CA ASP A 265 8.34 17.09 2.33
C ASP A 265 8.98 18.34 2.92
N MET A 266 10.09 18.18 3.63
CA MET A 266 10.75 19.32 4.31
C MET A 266 11.73 20.09 3.42
N PHE A 267 11.70 21.42 3.50
CA PHE A 267 12.61 22.32 2.81
C PHE A 267 13.17 23.35 3.78
N LYS A 268 14.26 24.00 3.41
CA LYS A 268 14.82 25.06 4.24
C LYS A 268 13.83 26.13 4.67
N ASP A 269 12.96 26.56 3.76
CA ASP A 269 12.04 27.65 4.02
C ASP A 269 10.61 27.25 4.40
N HIS A 270 10.19 26.07 3.95
CA HIS A 270 8.81 25.63 4.05
C HIS A 270 8.69 24.11 4.04
N CYS A 271 7.49 23.61 4.21
CA CYS A 271 7.29 22.18 4.06
C CYS A 271 6.00 21.93 3.27
N VAL A 272 5.98 20.85 2.50
CA VAL A 272 4.75 20.52 1.79
C VAL A 272 4.15 19.26 2.37
N LEU A 273 2.94 19.43 2.88
CA LEU A 273 2.22 18.37 3.55
C LEU A 273 1.17 17.76 2.61
N PHE A 274 1.25 16.46 2.41
CA PHE A 274 0.33 15.76 1.53
C PHE A 274 -0.65 14.94 2.34
N LEU A 275 -1.94 15.30 2.21
CA LEU A 275 -2.99 14.66 2.97
C LEU A 275 -4.05 13.99 2.12
N LYS A 276 -4.63 12.94 2.68
CA LYS A 276 -5.79 12.27 2.11
C LYS A 276 -6.89 12.11 3.14
N HIS A 277 -8.14 12.25 2.74
CA HIS A 277 -9.25 12.00 3.64
C HIS A 277 -10.43 11.50 2.85
N SER A 278 -11.01 10.37 3.25
CA SER A 278 -12.12 9.83 2.48
C SER A 278 -11.61 9.59 1.08
N ASN A 279 -12.26 10.21 0.12
CA ASN A 279 -11.90 10.11 -1.27
C ASN A 279 -11.48 11.46 -1.85
N LEU A 280 -11.01 12.35 -0.97
CA LEU A 280 -10.52 13.67 -1.34
C LEU A 280 -9.03 13.85 -1.05
N LEU A 281 -8.35 14.59 -1.92
CA LEU A 281 -6.93 14.87 -1.70
C LEU A 281 -6.67 16.32 -1.40
N TYR A 282 -5.67 16.58 -0.56
CA TYR A 282 -5.29 17.95 -0.26
C TYR A 282 -3.78 18.15 -0.24
N VAL A 283 -3.31 19.31 -0.67
CA VAL A 283 -1.90 19.64 -0.47
C VAL A 283 -1.79 20.96 0.23
N ASN A 284 -1.11 20.95 1.36
CA ASN A 284 -0.91 22.15 2.16
C ASN A 284 0.53 22.62 2.11
N VAL A 285 0.73 23.84 1.63
CA VAL A 285 2.07 24.37 1.59
C VAL A 285 2.19 25.28 2.78
N ILE A 286 3.05 24.87 3.69
CA ILE A 286 3.19 25.54 4.94
C ILE A 286 4.55 26.19 5.08
N GLY A 287 4.60 27.51 5.16
CA GLY A 287 5.89 28.17 5.31
C GLY A 287 6.37 27.91 6.73
N LEU A 288 7.67 27.74 6.89
CA LEU A 288 8.23 27.54 8.22
C LEU A 288 9.01 28.75 8.64
N ALA A 289 9.74 29.34 7.69
CA ALA A 289 10.54 30.54 7.92
C ALA A 289 9.65 31.77 7.83
N ASP A 290 8.43 31.54 7.37
CA ASP A 290 7.39 32.52 7.13
C ASP A 290 6.09 31.84 7.51
N ASP A 291 5.48 32.20 8.64
CA ASP A 291 4.33 31.43 9.09
C ASP A 291 3.05 31.82 8.33
N SER A 292 2.92 31.22 7.14
CA SER A 292 1.70 31.46 6.31
C SER A 292 1.42 30.17 5.52
N VAL A 293 0.20 29.63 5.62
CA VAL A 293 -0.12 28.32 4.97
C VAL A 293 -0.83 28.56 3.64
N ARG A 294 -0.49 27.78 2.60
CA ARG A 294 -1.14 27.90 1.26
C ARG A 294 -1.69 26.54 0.85
N SER A 295 -2.95 26.48 0.39
CA SER A 295 -3.52 25.21 -0.11
C SER A 295 -3.45 25.19 -1.64
N LEU A 296 -3.19 24.02 -2.25
CA LEU A 296 -3.07 23.95 -3.68
C LEU A 296 -4.36 23.43 -4.27
N LYS A 297 -4.63 23.80 -5.51
CA LYS A 297 -5.84 23.31 -6.19
C LYS A 297 -5.47 22.06 -6.98
N LEU A 298 -6.12 20.93 -6.69
CA LEU A 298 -5.86 19.69 -7.37
C LEU A 298 -7.05 19.46 -8.29
N PRO A 299 -6.90 18.77 -9.42
CA PRO A 299 -8.00 18.43 -10.29
C PRO A 299 -8.89 17.39 -9.60
N PRO A 300 -10.19 17.36 -9.91
CA PRO A 300 -11.20 16.51 -9.33
C PRO A 300 -11.06 15.03 -9.57
N TRP A 301 -10.32 14.61 -10.58
CA TRP A 301 -10.22 13.19 -10.83
C TRP A 301 -9.17 12.53 -10.02
N ALA A 302 -8.34 13.30 -9.35
CA ALA A 302 -7.27 12.63 -8.66
C ALA A 302 -7.88 11.78 -7.56
N CYS A 303 -7.41 10.54 -7.44
CA CYS A 303 -7.92 9.64 -6.42
C CYS A 303 -6.84 9.21 -5.45
N GLY A 304 -5.60 9.61 -5.76
CA GLY A 304 -4.44 9.25 -4.92
C GLY A 304 -3.20 10.04 -5.29
N PHE A 305 -2.12 9.95 -4.50
CA PHE A 305 -0.88 10.73 -4.73
C PHE A 305 0.32 9.81 -4.96
N ILE A 306 1.13 10.06 -5.99
CA ILE A 306 2.38 9.27 -6.19
C ILE A 306 3.56 10.14 -5.72
N MET A 307 4.42 9.64 -4.81
CA MET A 307 5.53 10.49 -4.41
C MET A 307 6.79 10.17 -5.17
N ASP A 308 7.52 11.23 -5.53
CA ASP A 308 8.81 11.11 -6.19
C ASP A 308 9.88 10.94 -5.12
N THR A 309 10.98 10.32 -5.55
CA THR A 309 12.13 10.12 -4.64
C THR A 309 13.32 10.80 -5.34
N ASN A 310 13.02 11.74 -6.24
CA ASN A 310 14.09 12.48 -6.93
C ASN A 310 14.67 13.51 -5.97
N SER A 311 13.97 13.79 -4.87
CA SER A 311 14.52 14.70 -3.83
C SER A 311 15.10 15.96 -4.45
N ASP A 312 14.48 16.51 -5.49
CA ASP A 312 14.97 17.80 -6.03
C ASP A 312 14.95 18.81 -4.89
N PRO A 313 15.92 19.73 -4.76
CA PRO A 313 15.99 20.60 -3.58
C PRO A 313 15.41 22.01 -3.70
N LYS A 314 14.95 22.40 -4.87
CA LYS A 314 14.28 23.72 -4.95
C LYS A 314 12.96 23.54 -5.71
N ASN A 315 12.19 22.48 -5.41
CA ASN A 315 10.86 22.26 -6.03
C ASN A 315 10.21 21.08 -5.32
N CYS A 316 8.87 20.96 -5.30
CA CYS A 316 8.20 19.80 -4.72
C CYS A 316 7.35 19.05 -5.73
N PRO A 317 7.96 18.16 -6.55
CA PRO A 317 7.30 17.36 -7.55
C PRO A 317 6.50 16.26 -6.91
N PHE A 318 5.40 15.91 -7.55
CA PHE A 318 4.54 14.80 -7.18
C PHE A 318 3.72 14.37 -8.38
N GLN A 319 3.08 13.22 -8.31
CA GLN A 319 2.20 12.87 -9.41
C GLN A 319 0.81 12.53 -8.91
N LEU A 320 -0.18 12.83 -9.72
CA LEU A 320 -1.54 12.45 -9.38
C LEU A 320 -1.99 11.36 -10.31
N CYS A 321 -2.84 10.49 -9.82
CA CYS A 321 -3.33 9.40 -10.63
C CYS A 321 -4.72 8.98 -10.21
N SER A 322 -5.32 8.11 -11.01
CA SER A 322 -6.62 7.52 -10.71
C SER A 322 -6.55 6.12 -11.31
N PRO A 323 -7.40 5.17 -10.96
CA PRO A 323 -7.36 3.83 -11.48
C PRO A 323 -7.51 3.77 -12.98
N ILE A 324 -8.09 4.82 -13.58
CA ILE A 324 -8.27 4.84 -15.02
C ILE A 324 -7.46 5.88 -15.73
N ARG A 325 -6.50 6.50 -15.05
CA ARG A 325 -5.70 7.53 -15.71
C ARG A 325 -4.23 7.44 -15.23
N PRO A 326 -3.26 7.20 -16.15
CA PRO A 326 -1.86 7.04 -15.86
C PRO A 326 -1.41 8.26 -15.09
N PRO A 327 -0.42 8.16 -14.22
CA PRO A 327 0.07 9.26 -13.42
C PRO A 327 0.48 10.48 -14.24
N LYS A 328 0.16 11.67 -13.72
CA LYS A 328 0.51 12.94 -14.35
C LYS A 328 1.43 13.73 -13.44
N TYR A 329 2.40 14.42 -14.04
CA TYR A 329 3.36 15.18 -13.27
C TYR A 329 2.96 16.61 -12.95
N TYR A 330 3.12 16.94 -11.67
CA TYR A 330 2.89 18.25 -11.12
C TYR A 330 4.07 18.69 -10.25
N THR A 331 4.49 19.94 -10.38
CA THR A 331 5.53 20.43 -9.48
C THR A 331 5.22 21.76 -8.85
N TYR A 332 5.37 21.84 -7.55
CA TYR A 332 5.21 23.13 -6.93
C TYR A 332 6.54 23.84 -6.79
N LYS A 333 6.64 25.02 -7.36
CA LYS A 333 7.86 25.82 -7.29
C LYS A 333 7.70 26.76 -6.13
N PHE A 334 8.42 26.49 -5.04
CA PHE A 334 8.15 27.34 -3.86
C PHE A 334 8.37 28.78 -4.29
N ALA A 335 9.17 28.97 -5.33
CA ALA A 335 9.54 30.35 -5.70
C ALA A 335 8.34 31.11 -6.24
N GLU A 336 7.62 30.48 -7.16
CA GLU A 336 6.55 31.28 -7.81
C GLU A 336 5.16 30.83 -7.38
N GLY A 337 4.14 31.60 -7.78
CA GLY A 337 2.76 31.33 -7.41
C GLY A 337 2.35 29.92 -7.82
N LYS A 338 2.47 29.61 -9.12
CA LYS A 338 2.15 28.30 -9.62
C LYS A 338 2.63 28.06 -11.05
N LEU A 339 3.34 26.95 -11.26
CA LEU A 339 3.80 26.47 -12.57
C LEU A 339 3.75 24.97 -12.51
N PHE A 340 2.57 24.40 -12.28
CA PHE A 340 2.53 22.95 -11.95
C PHE A 340 2.67 21.93 -13.08
N GLU A 341 1.88 22.08 -14.14
CA GLU A 341 1.89 21.07 -15.23
C GLU A 341 3.09 21.31 -16.15
N GLU A 342 4.27 20.87 -15.73
CA GLU A 342 5.46 20.96 -16.61
C GLU A 342 5.38 19.81 -17.62
N THR A 343 4.61 18.78 -17.29
CA THR A 343 4.47 17.60 -18.19
C THR A 343 3.87 18.04 -19.53
N GLY A 344 4.38 17.50 -20.63
CA GLY A 344 3.79 17.80 -21.95
C GLY A 344 2.79 16.72 -22.34
N HIS A 345 2.71 15.64 -21.55
CA HIS A 345 1.81 14.51 -21.89
C HIS A 345 0.51 14.61 -21.08
N GLU A 346 -0.62 14.42 -21.75
CA GLU A 346 -1.95 14.46 -21.07
C GLU A 346 -2.87 13.47 -21.77
N ASP A 347 -3.85 12.92 -21.04
CA ASP A 347 -4.74 11.88 -21.62
C ASP A 347 -6.18 12.38 -21.69
N PRO A 348 -6.84 12.25 -22.85
CA PRO A 348 -8.19 12.75 -23.04
C PRO A 348 -9.21 12.11 -22.10
N ILE A 349 -8.84 11.01 -21.44
CA ILE A 349 -9.76 10.36 -20.52
C ILE A 349 -10.16 11.32 -19.39
N THR A 350 -9.35 12.35 -19.15
CA THR A 350 -9.67 13.37 -18.17
C THR A 350 -11.05 13.96 -18.47
N LYS A 351 -11.39 14.13 -19.77
CA LYS A 351 -12.66 14.71 -20.16
C LYS A 351 -13.69 13.65 -20.61
N THR A 352 -13.21 12.47 -21.03
CA THR A 352 -14.15 11.46 -21.52
C THR A 352 -14.67 10.57 -20.40
N SER A 353 -14.06 10.63 -19.21
CA SER A 353 -14.59 9.85 -18.06
C SER A 353 -14.88 10.79 -16.88
N ARG A 354 -15.90 10.47 -16.08
CA ARG A 354 -16.28 11.34 -14.94
C ARG A 354 -16.12 10.56 -13.63
N VAL A 355 -15.65 11.23 -12.57
CA VAL A 355 -15.44 10.56 -11.25
C VAL A 355 -16.48 11.10 -10.25
N LEU A 356 -17.51 10.32 -9.95
CA LEU A 356 -18.50 10.74 -8.99
C LEU A 356 -18.16 10.23 -7.61
N ARG A 357 -18.47 11.02 -6.61
CA ARG A 357 -18.27 10.65 -5.22
C ARG A 357 -19.61 10.59 -4.55
N LEU A 358 -20.16 9.38 -4.45
CA LEU A 358 -21.53 9.20 -4.00
C LEU A 358 -21.58 8.27 -2.81
N GLU A 359 -21.99 8.72 -1.65
CA GLU A 359 -22.01 7.81 -0.52
C GLU A 359 -23.27 6.96 -0.47
N ALA A 360 -23.14 5.74 0.05
CA ALA A 360 -24.27 4.85 0.26
C ALA A 360 -24.70 4.91 1.71
N LYS A 361 -25.97 4.66 1.97
CA LYS A 361 -26.43 4.64 3.36
C LYS A 361 -26.58 3.22 3.88
N SER A 362 -25.90 2.93 4.98
CA SER A 362 -25.87 1.61 5.57
C SER A 362 -27.15 1.27 6.31
N LYS A 363 -27.25 0.00 6.71
CA LYS A 363 -28.39 -0.50 7.46
C LYS A 363 -28.57 0.23 8.78
N ASP A 364 -27.46 0.65 9.40
CA ASP A 364 -27.50 1.38 10.65
C ASP A 364 -27.38 2.90 10.49
N GLY A 365 -27.60 3.40 9.25
CA GLY A 365 -27.63 4.83 8.97
C GLY A 365 -26.29 5.54 8.78
N LYS A 366 -25.23 4.82 8.47
CA LYS A 366 -23.92 5.46 8.31
C LYS A 366 -23.63 5.67 6.85
N LEU A 367 -22.75 6.60 6.56
CA LEU A 367 -22.43 6.87 5.17
C LEU A 367 -21.16 6.18 4.74
N VAL A 368 -21.27 5.45 3.64
CA VAL A 368 -20.20 4.67 3.08
C VAL A 368 -19.76 5.23 1.75
N PRO A 369 -18.60 5.86 1.64
CA PRO A 369 -18.13 6.48 0.44
C PRO A 369 -17.99 5.45 -0.63
N MET A 370 -18.20 5.88 -1.84
CA MET A 370 -18.08 5.04 -3.00
C MET A 370 -17.61 5.88 -4.16
N THR A 371 -16.62 5.39 -4.87
CA THR A 371 -16.12 6.17 -5.99
C THR A 371 -16.64 5.54 -7.25
N VAL A 372 -17.27 6.32 -8.11
CA VAL A 372 -17.88 5.78 -9.33
C VAL A 372 -17.32 6.39 -10.62
N PHE A 373 -16.88 5.53 -11.52
CA PHE A 373 -16.27 5.94 -12.78
C PHE A 373 -17.09 5.60 -14.02
N HIS A 374 -17.41 6.60 -14.87
CA HIS A 374 -18.18 6.29 -16.08
C HIS A 374 -17.85 7.23 -17.24
N LYS A 375 -18.11 6.78 -18.47
CA LYS A 375 -17.88 7.62 -19.64
C LYS A 375 -18.84 8.81 -19.68
N THR A 376 -18.32 9.97 -20.06
CA THR A 376 -19.07 11.21 -20.14
C THR A 376 -19.92 11.33 -21.38
N ASP A 377 -19.67 10.48 -22.36
CA ASP A 377 -20.46 10.43 -23.58
C ASP A 377 -21.35 9.20 -23.54
N SER A 378 -21.51 8.63 -22.35
CA SER A 378 -22.30 7.44 -22.16
C SER A 378 -23.75 7.72 -22.50
N GLU A 379 -24.41 6.69 -22.97
CA GLU A 379 -25.78 6.71 -23.48
C GLU A 379 -26.84 7.04 -22.43
N ASP A 380 -27.99 7.54 -22.88
CA ASP A 380 -29.06 7.86 -21.95
C ASP A 380 -29.46 6.62 -21.14
N LEU A 381 -29.38 5.46 -21.75
CA LEU A 381 -29.74 4.27 -21.04
C LEU A 381 -28.59 3.79 -20.20
N GLN A 382 -28.52 4.29 -18.98
CA GLN A 382 -27.44 3.93 -18.08
C GLN A 382 -27.73 2.62 -17.41
N LYS A 383 -27.70 1.56 -18.21
CA LYS A 383 -27.88 0.19 -17.68
C LYS A 383 -26.73 -0.63 -18.27
N LYS A 384 -25.51 -0.44 -17.76
CA LYS A 384 -24.32 -1.11 -18.36
C LYS A 384 -23.64 -1.99 -17.31
N PRO A 385 -22.84 -3.00 -17.72
CA PRO A 385 -22.11 -3.84 -16.76
C PRO A 385 -21.36 -2.99 -15.73
N LEU A 386 -21.59 -3.25 -14.44
CA LEU A 386 -20.92 -2.47 -13.37
C LEU A 386 -19.97 -3.39 -12.59
N LEU A 387 -18.70 -2.99 -12.48
CA LEU A 387 -17.72 -3.79 -11.68
C LEU A 387 -17.56 -3.14 -10.31
N VAL A 388 -17.85 -3.90 -9.24
CA VAL A 388 -17.72 -3.37 -7.85
C VAL A 388 -16.44 -3.95 -7.22
N HIS A 389 -15.60 -3.10 -6.62
CA HIS A 389 -14.35 -3.59 -5.99
C HIS A 389 -14.45 -3.44 -4.46
N VAL A 390 -14.21 -4.52 -3.72
CA VAL A 390 -14.24 -4.44 -2.26
C VAL A 390 -13.03 -5.11 -1.58
N TYR A 391 -12.52 -4.48 -0.52
CA TYR A 391 -11.46 -5.15 0.29
C TYR A 391 -11.99 -5.23 1.72
N GLY A 392 -12.09 -4.08 2.41
CA GLY A 392 -12.73 -4.11 3.73
C GLY A 392 -11.98 -4.83 4.83
N ALA A 393 -10.67 -4.78 4.82
CA ALA A 393 -9.95 -5.52 5.85
C ALA A 393 -8.61 -4.91 6.20
N TYR A 394 -8.17 -5.18 7.43
CA TYR A 394 -6.86 -4.83 7.96
C TYR A 394 -6.55 -3.34 7.96
N GLY A 395 -7.56 -2.49 7.85
CA GLY A 395 -7.34 -1.06 7.90
C GLY A 395 -6.78 -0.53 6.59
N MET A 396 -6.80 -1.35 5.57
CA MET A 396 -6.26 -0.97 4.28
C MET A 396 -7.28 -0.17 3.52
N ASP A 397 -6.82 0.66 2.62
CA ASP A 397 -7.72 1.34 1.73
C ASP A 397 -7.69 0.67 0.37
N LEU A 398 -8.47 1.16 -0.56
CA LEU A 398 -8.41 0.59 -1.90
C LEU A 398 -7.42 1.34 -2.73
N LYS A 399 -6.43 0.63 -3.23
CA LYS A 399 -5.38 1.22 -4.02
C LYS A 399 -5.99 1.79 -5.29
N MET A 400 -5.64 3.02 -5.61
CA MET A 400 -6.17 3.74 -6.75
C MET A 400 -5.19 3.91 -7.88
N ASN A 401 -4.11 3.16 -7.87
CA ASN A 401 -3.13 3.36 -8.92
C ASN A 401 -3.69 2.82 -10.21
N PHE A 402 -3.18 3.34 -11.30
CA PHE A 402 -3.63 3.00 -12.62
C PHE A 402 -3.44 1.56 -13.03
N ARG A 403 -4.52 1.00 -13.55
CA ARG A 403 -4.56 -0.35 -14.05
C ARG A 403 -5.18 -0.33 -15.45
N PRO A 404 -4.39 -0.52 -16.52
CA PRO A 404 -4.83 -0.44 -17.90
C PRO A 404 -6.07 -1.26 -18.19
N GLU A 405 -6.20 -2.42 -17.53
CA GLU A 405 -7.36 -3.32 -17.80
C GLU A 405 -8.65 -2.66 -17.28
N ARG A 406 -8.57 -1.95 -16.15
CA ARG A 406 -9.76 -1.24 -15.61
C ARG A 406 -10.17 -0.15 -16.60
N ARG A 407 -9.19 0.58 -17.15
CA ARG A 407 -9.48 1.67 -18.10
C ARG A 407 -10.18 1.08 -19.35
N VAL A 408 -9.65 -0.04 -19.87
CA VAL A 408 -10.28 -0.66 -21.01
C VAL A 408 -11.72 -0.99 -20.71
N LEU A 409 -12.01 -1.51 -19.52
CA LEU A 409 -13.41 -1.80 -19.29
C LEU A 409 -14.21 -0.52 -19.39
N VAL A 410 -13.68 0.59 -18.90
CA VAL A 410 -14.43 1.83 -19.02
C VAL A 410 -14.55 2.24 -20.48
N ASP A 411 -13.48 2.14 -21.28
CA ASP A 411 -13.58 2.52 -22.69
C ASP A 411 -14.65 1.72 -23.43
N ASP A 412 -14.84 0.46 -23.01
CA ASP A 412 -15.83 -0.43 -23.68
C ASP A 412 -17.26 -0.09 -23.24
N GLY A 413 -17.41 0.71 -22.18
CA GLY A 413 -18.75 1.10 -21.70
C GLY A 413 -19.06 0.51 -20.33
N TRP A 414 -18.03 0.15 -19.56
CA TRP A 414 -18.24 -0.40 -18.19
C TRP A 414 -18.27 0.75 -17.17
N ILE A 415 -19.01 0.57 -16.08
CA ILE A 415 -19.01 1.58 -14.98
C ILE A 415 -18.29 0.95 -13.78
N LEU A 416 -17.24 1.57 -13.27
CA LEU A 416 -16.50 0.94 -12.19
C LEU A 416 -16.89 1.57 -10.88
N ALA A 417 -16.86 0.79 -9.82
CA ALA A 417 -17.11 1.40 -8.53
C ALA A 417 -16.24 0.78 -7.47
N TYR A 418 -15.78 1.63 -6.56
CA TYR A 418 -14.95 1.20 -5.45
C TYR A 418 -15.67 1.48 -4.16
N CYS A 419 -15.80 0.47 -3.31
CA CYS A 419 -16.54 0.65 -2.08
C CYS A 419 -15.64 0.78 -0.87
N HIS A 420 -15.70 1.92 -0.24
CA HIS A 420 -14.81 2.17 0.86
C HIS A 420 -15.57 1.77 2.12
N VAL A 421 -15.48 0.49 2.47
CA VAL A 421 -16.37 -0.06 3.49
C VAL A 421 -15.70 -0.36 4.81
N ARG A 422 -16.52 -0.51 5.87
CA ARG A 422 -15.96 -0.81 7.17
C ARG A 422 -15.16 -2.07 7.15
N GLY A 423 -14.04 -1.96 7.82
CA GLY A 423 -12.99 -2.94 7.97
C GLY A 423 -11.72 -2.34 7.35
N GLY A 424 -11.90 -1.36 6.43
CA GLY A 424 -10.79 -0.67 5.81
C GLY A 424 -10.43 0.62 6.54
N GLY A 425 -9.51 1.41 5.97
CA GLY A 425 -9.04 2.65 6.62
C GLY A 425 -9.34 4.05 6.02
N GLU A 426 -10.13 4.18 4.95
CA GLU A 426 -10.31 5.52 4.35
C GLU A 426 -10.83 6.64 5.23
N LEU A 427 -11.67 6.31 6.20
CA LEU A 427 -12.25 7.33 7.05
C LEU A 427 -11.80 7.35 8.51
N GLY A 428 -10.67 6.75 8.82
CA GLY A 428 -10.23 6.84 10.21
C GLY A 428 -10.02 5.51 10.89
N LEU A 429 -9.46 5.56 12.07
CA LEU A 429 -9.14 4.35 12.81
C LEU A 429 -10.37 3.55 13.18
N GLN A 430 -11.48 4.23 13.43
CA GLN A 430 -12.70 3.55 13.83
C GLN A 430 -13.27 2.73 12.68
N TRP A 431 -12.84 3.00 11.45
CA TRP A 431 -13.31 2.25 10.31
C TRP A 431 -12.60 0.92 10.25
N HIS A 432 -11.42 0.81 10.86
CA HIS A 432 -10.74 -0.45 10.91
C HIS A 432 -11.34 -1.22 12.06
N ALA A 433 -11.55 -0.52 13.18
CA ALA A 433 -12.09 -1.18 14.36
C ALA A 433 -13.49 -1.74 14.11
N ASP A 434 -14.32 -0.98 13.38
CA ASP A 434 -15.64 -1.47 13.05
C ASP A 434 -15.50 -2.32 11.80
N GLY A 435 -16.45 -3.21 11.57
CA GLY A 435 -16.36 -4.08 10.39
C GLY A 435 -15.24 -5.09 10.58
N ARG A 436 -14.93 -5.41 11.83
CA ARG A 436 -13.84 -6.29 12.15
C ARG A 436 -14.22 -7.48 13.02
N LEU A 437 -13.56 -7.61 14.16
CA LEU A 437 -13.48 -8.87 14.89
C LEU A 437 -14.80 -9.39 15.44
N THR A 438 -15.62 -8.51 16.00
CA THR A 438 -16.94 -8.90 16.51
C THR A 438 -18.02 -8.29 15.64
N LYS A 439 -17.59 -7.50 14.66
CA LYS A 439 -18.48 -6.74 13.81
C LYS A 439 -18.24 -6.86 12.32
N LYS A 440 -17.72 -7.99 11.84
CA LYS A 440 -17.41 -8.12 10.41
C LYS A 440 -18.63 -7.94 9.52
N LEU A 441 -19.79 -8.33 10.02
CA LEU A 441 -21.03 -8.23 9.27
C LEU A 441 -21.35 -6.80 8.90
N ASN A 442 -20.79 -5.82 9.61
CA ASN A 442 -21.05 -4.46 9.24
C ASN A 442 -20.37 -4.14 7.91
N GLY A 443 -19.23 -4.78 7.62
CA GLY A 443 -18.55 -4.52 6.36
C GLY A 443 -19.42 -5.08 5.25
N LEU A 444 -20.06 -6.20 5.57
CA LEU A 444 -20.93 -6.81 4.59
C LEU A 444 -22.10 -5.91 4.33
N ALA A 445 -22.68 -5.33 5.38
CA ALA A 445 -23.80 -4.44 5.21
C ALA A 445 -23.42 -3.24 4.35
N ASP A 446 -22.20 -2.73 4.52
CA ASP A 446 -21.78 -1.59 3.73
C ASP A 446 -21.65 -1.96 2.26
N LEU A 447 -21.17 -3.17 1.98
CA LEU A 447 -21.07 -3.60 0.60
C LEU A 447 -22.44 -3.75 -0.01
N GLU A 448 -23.38 -4.34 0.75
CA GLU A 448 -24.72 -4.51 0.26
C GLU A 448 -25.35 -3.16 -0.03
N ALA A 449 -25.14 -2.19 0.87
CA ALA A 449 -25.70 -0.87 0.69
C ALA A 449 -25.18 -0.23 -0.56
N CYS A 450 -23.89 -0.42 -0.83
CA CYS A 450 -23.29 0.19 -2.00
C CYS A 450 -23.89 -0.35 -3.27
N ILE A 451 -24.07 -1.66 -3.31
CA ILE A 451 -24.61 -2.26 -4.50
C ILE A 451 -26.04 -1.83 -4.72
N LYS A 452 -26.85 -1.85 -3.67
CA LYS A 452 -28.22 -1.43 -3.82
C LYS A 452 -28.31 0.04 -4.19
N THR A 453 -27.40 0.86 -3.64
CA THR A 453 -27.37 2.28 -3.93
C THR A 453 -27.09 2.53 -5.39
N LEU A 454 -26.15 1.81 -5.97
CA LEU A 454 -25.84 2.00 -7.38
C LEU A 454 -27.04 1.61 -8.24
N HIS A 455 -27.74 0.54 -7.84
CA HIS A 455 -28.91 0.11 -8.58
C HIS A 455 -30.03 1.14 -8.42
N GLY A 456 -30.14 1.70 -7.21
CA GLY A 456 -31.13 2.72 -6.87
C GLY A 456 -30.90 4.01 -7.65
N GLN A 457 -29.62 4.39 -7.81
CA GLN A 457 -29.27 5.57 -8.59
C GLN A 457 -29.63 5.29 -10.03
N GLY A 458 -29.50 4.03 -10.42
CA GLY A 458 -29.87 3.61 -11.74
C GLY A 458 -28.73 3.41 -12.71
N PHE A 459 -27.51 3.10 -12.21
CA PHE A 459 -26.36 2.87 -13.09
C PHE A 459 -26.43 1.51 -13.80
N SER A 460 -27.00 0.54 -13.09
CA SER A 460 -27.12 -0.81 -13.59
C SER A 460 -28.22 -1.54 -12.86
N GLN A 461 -28.74 -2.57 -13.48
CA GLN A 461 -29.65 -3.50 -12.86
C GLN A 461 -28.80 -4.68 -12.37
N PRO A 462 -29.26 -5.50 -11.42
CA PRO A 462 -28.55 -6.66 -10.93
C PRO A 462 -28.02 -7.60 -12.01
N SER A 463 -28.72 -7.73 -13.13
CA SER A 463 -28.27 -8.63 -14.19
C SER A 463 -26.97 -8.22 -14.85
N LEU A 464 -26.54 -6.98 -14.65
CA LEU A 464 -25.29 -6.52 -15.21
C LEU A 464 -24.22 -6.25 -14.14
N THR A 465 -24.50 -6.66 -12.90
CA THR A 465 -23.57 -6.40 -11.80
C THR A 465 -22.51 -7.49 -11.66
N THR A 466 -21.28 -7.01 -11.54
CA THR A 466 -20.12 -7.86 -11.34
C THR A 466 -19.38 -7.45 -10.10
N LEU A 467 -18.99 -8.41 -9.29
CA LEU A 467 -18.26 -8.11 -8.06
C LEU A 467 -16.87 -8.71 -8.10
N THR A 468 -15.87 -7.98 -7.63
CA THR A 468 -14.56 -8.58 -7.54
C THR A 468 -13.88 -8.32 -6.22
N ALA A 469 -13.08 -9.30 -5.77
CA ALA A 469 -12.43 -9.17 -4.46
C ALA A 469 -11.09 -9.92 -4.47
N PHE A 470 -10.22 -9.60 -3.50
CA PHE A 470 -8.88 -10.24 -3.45
C PHE A 470 -8.55 -10.67 -2.02
N SER A 471 -8.01 -11.88 -1.85
CA SER A 471 -7.58 -12.36 -0.52
C SER A 471 -8.64 -12.11 0.55
N ALA A 472 -8.41 -11.15 1.45
CA ALA A 472 -9.31 -10.94 2.56
C ALA A 472 -10.67 -10.46 2.12
N GLY A 473 -10.73 -9.71 1.02
CA GLY A 473 -11.97 -9.14 0.52
C GLY A 473 -12.91 -10.21 -0.01
N GLY A 474 -12.39 -11.41 -0.17
CA GLY A 474 -13.15 -12.52 -0.64
C GLY A 474 -14.15 -12.92 0.42
N VAL A 475 -13.92 -12.53 1.68
CA VAL A 475 -14.86 -12.91 2.70
C VAL A 475 -16.14 -12.17 2.45
N LEU A 476 -16.03 -10.88 2.16
CA LEU A 476 -17.21 -10.10 1.92
C LEU A 476 -17.88 -10.51 0.64
N ALA A 477 -17.10 -10.80 -0.39
CA ALA A 477 -17.76 -11.19 -1.63
C ALA A 477 -18.46 -12.51 -1.45
N GLY A 478 -17.82 -13.43 -0.74
CA GLY A 478 -18.40 -14.74 -0.50
C GLY A 478 -19.65 -14.61 0.33
N ALA A 479 -19.56 -13.85 1.42
CA ALA A 479 -20.69 -13.72 2.29
C ALA A 479 -21.85 -13.07 1.56
N LEU A 480 -21.58 -12.13 0.66
CA LEU A 480 -22.67 -11.51 -0.06
C LEU A 480 -23.30 -12.55 -0.97
N CYS A 481 -22.48 -13.40 -1.57
CA CYS A 481 -23.03 -14.42 -2.45
C CYS A 481 -23.99 -15.32 -1.70
N ASN A 482 -23.68 -15.61 -0.45
CA ASN A 482 -24.56 -16.46 0.31
C ASN A 482 -25.82 -15.73 0.81
N SER A 483 -25.71 -14.45 1.22
CA SER A 483 -26.86 -13.75 1.77
C SER A 483 -27.77 -13.04 0.76
N ASN A 484 -27.21 -12.50 -0.32
CA ASN A 484 -27.98 -11.76 -1.32
C ASN A 484 -27.54 -12.08 -2.74
N PRO A 485 -27.60 -13.34 -3.18
CA PRO A 485 -27.11 -13.78 -4.46
C PRO A 485 -27.79 -13.11 -5.65
N GLU A 486 -29.00 -12.62 -5.48
CA GLU A 486 -29.73 -11.98 -6.57
C GLU A 486 -29.15 -10.64 -6.99
N LEU A 487 -28.25 -10.08 -6.19
CA LEU A 487 -27.67 -8.79 -6.52
C LEU A 487 -26.56 -8.84 -7.54
N VAL A 488 -25.90 -10.00 -7.69
CA VAL A 488 -24.71 -10.06 -8.60
C VAL A 488 -24.94 -11.10 -9.69
N ARG A 489 -24.41 -10.86 -10.89
CA ARG A 489 -24.54 -11.83 -12.02
C ARG A 489 -23.30 -12.73 -12.02
N ALA A 490 -22.11 -12.13 -11.96
CA ALA A 490 -20.84 -12.93 -11.98
C ALA A 490 -19.87 -12.35 -10.96
N VAL A 491 -19.06 -13.22 -10.32
CA VAL A 491 -18.10 -12.77 -9.28
C VAL A 491 -16.69 -13.25 -9.67
N THR A 492 -15.67 -12.39 -9.53
CA THR A 492 -14.31 -12.79 -9.83
C THR A 492 -13.44 -12.67 -8.58
N LEU A 493 -12.90 -13.79 -8.12
CA LEU A 493 -12.11 -13.77 -6.90
C LEU A 493 -10.69 -14.24 -7.08
N GLU A 494 -9.76 -13.53 -6.46
CA GLU A 494 -8.39 -14.01 -6.46
C GLU A 494 -7.87 -14.39 -5.10
N ALA A 495 -7.50 -15.66 -5.01
CA ALA A 495 -7.00 -16.30 -3.81
C ALA A 495 -7.76 -15.83 -2.62
N PRO A 496 -9.08 -16.00 -2.59
CA PRO A 496 -9.90 -15.50 -1.54
C PRO A 496 -9.71 -16.26 -0.26
N PHE A 497 -9.85 -15.55 0.84
CA PHE A 497 -9.81 -16.10 2.18
C PHE A 497 -11.18 -16.65 2.55
N LEU A 498 -11.60 -17.74 1.90
CA LEU A 498 -12.97 -18.22 2.07
C LEU A 498 -13.27 -19.09 3.29
N ASP A 499 -12.45 -20.09 3.58
CA ASP A 499 -12.82 -20.93 4.73
C ASP A 499 -12.22 -20.37 5.98
N VAL A 500 -12.85 -19.32 6.44
CA VAL A 500 -12.37 -18.53 7.54
C VAL A 500 -12.39 -19.33 8.80
N LEU A 501 -13.45 -20.10 9.02
CA LEU A 501 -13.55 -20.79 10.28
C LEU A 501 -12.50 -21.86 10.42
N ASN A 502 -12.24 -22.65 9.38
CA ASN A 502 -11.22 -23.66 9.59
C ASN A 502 -9.84 -23.04 9.59
N THR A 503 -9.68 -21.94 8.86
CA THR A 503 -8.39 -21.31 8.83
C THR A 503 -8.07 -20.76 10.20
N MET A 504 -9.05 -20.13 10.84
CA MET A 504 -8.86 -19.58 12.15
C MET A 504 -8.82 -20.62 13.26
N MET A 505 -9.57 -21.72 13.11
CA MET A 505 -9.64 -22.72 14.20
C MET A 505 -8.53 -23.76 14.01
N ASP A 506 -7.60 -23.50 13.09
CA ASP A 506 -6.45 -24.42 12.88
C ASP A 506 -5.47 -24.24 14.04
N THR A 507 -5.72 -24.91 15.17
CA THR A 507 -4.84 -24.78 16.37
C THR A 507 -3.45 -25.31 16.03
N THR A 508 -3.35 -26.29 15.13
CA THR A 508 -2.04 -26.90 14.77
C THR A 508 -1.05 -25.78 14.46
N LEU A 509 -1.46 -24.80 13.64
CA LEU A 509 -0.59 -23.64 13.32
C LEU A 509 -1.03 -22.44 14.15
N PRO A 510 -0.19 -21.92 15.08
CA PRO A 510 -0.59 -20.80 15.93
C PRO A 510 -1.10 -19.62 15.08
N LEU A 511 -2.25 -19.04 15.46
CA LEU A 511 -2.83 -17.91 14.70
C LEU A 511 -2.09 -16.62 15.09
N THR A 512 -1.55 -15.90 14.12
CA THR A 512 -0.81 -14.65 14.41
C THR A 512 -1.73 -13.67 15.12
N LEU A 513 -1.23 -13.00 16.16
CA LEU A 513 -2.07 -12.05 16.96
C LEU A 513 -2.64 -10.99 16.00
N GLU A 514 -1.86 -10.54 15.02
CA GLU A 514 -2.36 -9.55 14.03
C GLU A 514 -3.66 -10.08 13.42
N GLU A 515 -3.64 -11.29 12.86
CA GLU A 515 -4.85 -11.89 12.28
C GLU A 515 -5.82 -12.16 13.42
N LEU A 516 -5.34 -12.72 14.52
CA LEU A 516 -6.26 -13.11 15.60
C LEU A 516 -7.10 -11.89 15.95
N GLU A 517 -6.58 -10.71 15.65
CA GLU A 517 -7.30 -9.46 15.94
C GLU A 517 -8.01 -8.98 14.67
N GLU A 518 -7.95 -9.75 13.58
CA GLU A 518 -8.69 -9.37 12.35
C GLU A 518 -9.72 -10.46 12.14
N TRP A 519 -9.62 -11.50 12.95
CA TRP A 519 -10.65 -12.55 12.92
C TRP A 519 -10.66 -13.14 14.32
N GLY A 520 -11.75 -12.97 15.09
CA GLY A 520 -11.81 -13.46 16.46
C GLY A 520 -11.30 -14.87 16.63
N ASN A 521 -10.68 -15.18 17.78
CA ASN A 521 -10.18 -16.54 18.00
C ASN A 521 -11.24 -17.57 18.39
N PRO A 522 -11.69 -18.46 17.48
CA PRO A 522 -12.76 -19.39 17.71
C PRO A 522 -12.27 -20.52 18.59
N SER A 523 -10.95 -20.62 18.75
CA SER A 523 -10.40 -21.70 19.52
C SER A 523 -10.40 -21.40 21.01
N SER A 524 -10.61 -20.13 21.39
CA SER A 524 -10.57 -19.83 22.81
C SER A 524 -11.90 -19.29 23.32
N ASP A 525 -12.75 -18.79 22.43
CA ASP A 525 -14.01 -18.21 22.89
C ASP A 525 -15.14 -18.51 21.93
N GLU A 526 -16.12 -19.23 22.45
CA GLU A 526 -17.25 -19.71 21.70
C GLU A 526 -18.01 -18.58 21.01
N LYS A 527 -17.98 -17.36 21.55
CA LYS A 527 -18.72 -16.32 20.85
C LYS A 527 -18.06 -16.02 19.51
N HIS A 528 -16.73 -16.20 19.41
CA HIS A 528 -16.06 -15.90 18.16
C HIS A 528 -16.34 -17.03 17.24
N LYS A 529 -16.41 -18.23 17.79
CA LYS A 529 -16.67 -19.37 16.96
C LYS A 529 -18.02 -19.20 16.30
N ASN A 530 -18.99 -18.75 17.07
CA ASN A 530 -20.31 -18.59 16.52
C ASN A 530 -20.39 -17.40 15.58
N TYR A 531 -19.72 -16.30 15.89
CA TYR A 531 -19.77 -15.14 15.02
C TYR A 531 -19.13 -15.48 13.69
N ILE A 532 -18.00 -16.15 13.74
CA ILE A 532 -17.34 -16.50 12.52
C ILE A 532 -18.19 -17.46 11.75
N LYS A 533 -18.74 -18.47 12.40
CA LYS A 533 -19.55 -19.41 11.66
C LYS A 533 -20.67 -18.68 10.92
N ARG A 534 -21.26 -17.66 11.54
CA ARG A 534 -22.31 -16.89 10.90
C ARG A 534 -21.89 -16.16 9.63
N TYR A 535 -20.63 -15.69 9.53
CA TYR A 535 -20.29 -14.98 8.30
C TYR A 535 -19.43 -15.78 7.33
N CYS A 536 -18.72 -16.78 7.81
CA CYS A 536 -17.81 -17.52 6.96
C CYS A 536 -18.54 -18.08 5.75
N PRO A 537 -18.18 -17.68 4.51
CA PRO A 537 -18.87 -18.11 3.33
C PRO A 537 -18.77 -19.58 3.02
N TYR A 538 -17.75 -20.26 3.51
CA TYR A 538 -17.69 -21.70 3.28
C TYR A 538 -18.72 -22.41 4.13
N GLN A 539 -18.75 -22.03 5.39
CA GLN A 539 -19.59 -22.67 6.36
C GLN A 539 -21.06 -22.42 6.02
N ASN A 540 -21.35 -21.26 5.42
CA ASN A 540 -22.76 -20.89 5.13
C ASN A 540 -23.14 -21.23 3.69
N ILE A 541 -22.34 -22.04 2.98
CA ILE A 541 -22.76 -22.46 1.61
C ILE A 541 -24.08 -23.25 1.76
N LYS A 542 -25.12 -22.85 1.04
CA LYS A 542 -26.45 -23.51 1.17
C LYS A 542 -27.09 -23.68 -0.21
N PRO A 543 -27.82 -24.78 -0.49
CA PRO A 543 -28.49 -24.96 -1.77
C PRO A 543 -29.39 -23.76 -2.09
N GLN A 544 -29.09 -23.05 -3.18
CA GLN A 544 -29.88 -21.85 -3.59
C GLN A 544 -29.35 -21.39 -4.95
N HIS A 545 -29.90 -20.31 -5.51
CA HIS A 545 -29.33 -19.79 -6.78
C HIS A 545 -28.10 -18.96 -6.45
N TYR A 546 -27.00 -19.17 -7.18
CA TYR A 546 -25.76 -18.42 -7.01
C TYR A 546 -25.32 -17.67 -8.27
N PRO A 547 -24.50 -16.63 -8.16
CA PRO A 547 -23.85 -15.94 -9.26
C PRO A 547 -22.84 -16.87 -9.83
N SER A 548 -22.46 -16.68 -11.08
CA SER A 548 -21.36 -17.51 -11.58
C SER A 548 -20.10 -17.04 -10.89
N ILE A 549 -19.24 -17.95 -10.46
CA ILE A 549 -18.04 -17.52 -9.76
C ILE A 549 -16.78 -18.08 -10.36
N HIS A 550 -15.86 -17.19 -10.66
CA HIS A 550 -14.57 -17.61 -11.17
C HIS A 550 -13.52 -17.37 -10.12
N ILE A 551 -12.77 -18.41 -9.79
CA ILE A 551 -11.73 -18.29 -8.79
C ILE A 551 -10.36 -18.54 -9.34
N THR A 552 -9.48 -17.61 -9.08
CA THR A 552 -8.09 -17.73 -9.44
C THR A 552 -7.39 -18.14 -8.16
N ALA A 553 -6.61 -19.19 -8.20
CA ALA A 553 -5.95 -19.62 -6.98
C ALA A 553 -4.58 -20.14 -7.25
N TYR A 554 -3.74 -20.11 -6.24
CA TYR A 554 -2.38 -20.55 -6.42
C TYR A 554 -2.03 -21.79 -5.65
N GLU A 555 -1.09 -22.54 -6.21
CA GLU A 555 -0.60 -23.79 -5.64
C GLU A 555 0.09 -23.65 -4.29
N ASN A 556 0.86 -22.59 -4.11
CA ASN A 556 1.64 -22.42 -2.90
C ASN A 556 1.61 -21.03 -2.31
N ASP A 557 1.03 -20.92 -1.12
CA ASP A 557 0.94 -19.68 -0.38
C ASP A 557 0.90 -20.04 1.10
N GLU A 558 0.86 -19.03 1.94
CA GLU A 558 0.80 -19.23 3.39
C GLU A 558 -0.50 -18.72 3.95
N ARG A 559 -1.05 -17.71 3.31
CA ARG A 559 -2.24 -17.05 3.84
C ARG A 559 -3.52 -17.73 3.41
N VAL A 560 -3.51 -18.33 2.24
CA VAL A 560 -4.69 -18.95 1.69
C VAL A 560 -4.41 -20.36 1.19
N PRO A 561 -4.59 -21.40 2.00
CA PRO A 561 -4.36 -22.79 1.63
C PRO A 561 -5.22 -23.14 0.44
N LEU A 562 -4.64 -23.83 -0.53
CA LEU A 562 -5.40 -24.21 -1.69
C LEU A 562 -6.50 -25.18 -1.33
N LYS A 563 -6.24 -26.04 -0.36
CA LYS A 563 -7.26 -27.01 -0.01
C LYS A 563 -8.53 -26.31 0.47
N GLY A 564 -8.43 -25.10 1.03
CA GLY A 564 -9.60 -24.38 1.49
C GLY A 564 -10.44 -24.01 0.28
N ILE A 565 -9.78 -23.46 -0.74
CA ILE A 565 -10.46 -23.07 -1.95
C ILE A 565 -11.06 -24.27 -2.67
N VAL A 566 -10.32 -25.36 -2.72
CA VAL A 566 -10.85 -26.53 -3.39
C VAL A 566 -12.07 -27.05 -2.67
N SER A 567 -12.05 -27.13 -1.33
CA SER A 567 -13.20 -27.61 -0.59
C SER A 567 -14.40 -26.73 -0.85
N TYR A 568 -14.19 -25.41 -0.84
CA TYR A 568 -15.24 -24.46 -1.11
C TYR A 568 -15.84 -24.72 -2.45
N THR A 569 -14.98 -24.86 -3.45
CA THR A 569 -15.43 -25.06 -4.80
C THR A 569 -16.27 -26.31 -4.89
N GLU A 570 -15.81 -27.40 -4.27
CA GLU A 570 -16.56 -28.65 -4.35
C GLU A 570 -17.91 -28.55 -3.64
N LYS A 571 -17.92 -27.92 -2.46
CA LYS A 571 -19.17 -27.75 -1.69
C LYS A 571 -20.12 -26.82 -2.45
N LEU A 572 -19.61 -25.71 -2.99
CA LEU A 572 -20.46 -24.72 -3.70
C LEU A 572 -21.18 -25.43 -4.85
N LYS A 573 -20.45 -26.22 -5.63
CA LYS A 573 -21.06 -26.92 -6.80
C LYS A 573 -22.17 -27.84 -6.29
N GLU A 574 -21.92 -28.55 -5.19
CA GLU A 574 -22.94 -29.50 -4.63
C GLU A 574 -24.21 -28.73 -4.27
N ALA A 575 -24.08 -27.57 -3.61
CA ALA A 575 -25.26 -26.81 -3.16
C ALA A 575 -26.12 -26.43 -4.37
N ILE A 576 -25.50 -25.86 -5.41
CA ILE A 576 -26.26 -25.41 -6.62
C ILE A 576 -26.77 -26.65 -7.37
N ALA A 577 -25.99 -27.75 -7.36
CA ALA A 577 -26.44 -29.00 -8.00
C ALA A 577 -27.75 -29.46 -7.37
N GLU A 578 -27.79 -29.47 -6.02
CA GLU A 578 -29.01 -29.88 -5.33
C GLU A 578 -30.13 -28.92 -5.65
N HIS A 579 -29.80 -27.63 -5.73
CA HIS A 579 -30.80 -26.65 -6.07
C HIS A 579 -31.36 -26.94 -7.45
N ALA A 580 -30.44 -27.14 -8.41
CA ALA A 580 -30.85 -27.39 -9.77
C ALA A 580 -31.67 -28.67 -9.90
N LYS A 581 -31.33 -29.74 -9.17
CA LYS A 581 -32.10 -30.96 -9.28
C LYS A 581 -33.56 -30.80 -8.88
N ASP A 582 -33.85 -29.99 -7.86
CA ASP A 582 -35.25 -29.85 -7.48
C ASP A 582 -36.02 -28.77 -8.25
N THR A 583 -35.37 -27.67 -8.62
CA THR A 583 -36.12 -26.60 -9.30
C THR A 583 -35.62 -26.19 -10.69
N GLY A 584 -34.53 -26.77 -11.18
CA GLY A 584 -33.95 -26.36 -12.44
C GLY A 584 -34.86 -26.54 -13.64
N GLU A 585 -35.32 -27.76 -13.91
CA GLU A 585 -36.21 -28.00 -15.04
C GLU A 585 -35.70 -27.39 -16.36
N GLY A 586 -34.41 -27.56 -16.66
CA GLY A 586 -33.82 -27.01 -17.89
C GLY A 586 -33.10 -25.67 -17.67
N TYR A 587 -33.22 -25.11 -16.46
CA TYR A 587 -32.58 -23.80 -16.17
C TYR A 587 -31.05 -23.96 -16.21
N GLN A 588 -30.35 -22.91 -16.66
CA GLN A 588 -28.87 -22.95 -16.77
C GLN A 588 -28.25 -22.97 -15.37
N THR A 589 -27.12 -23.66 -15.20
CA THR A 589 -26.46 -23.75 -13.87
C THR A 589 -25.31 -22.74 -13.79
N PRO A 590 -25.22 -21.92 -12.72
CA PRO A 590 -24.12 -20.98 -12.55
C PRO A 590 -22.76 -21.65 -12.79
N ASN A 591 -21.89 -21.02 -13.59
CA ASN A 591 -20.58 -21.64 -13.93
C ASN A 591 -19.60 -21.46 -12.78
N ILE A 592 -19.20 -22.56 -12.13
CA ILE A 592 -18.23 -22.48 -11.05
C ILE A 592 -16.88 -22.91 -11.62
N ILE A 593 -15.95 -21.97 -11.73
CA ILE A 593 -14.68 -22.26 -12.39
C ILE A 593 -13.47 -22.02 -11.52
N LEU A 594 -12.64 -23.05 -11.35
CA LEU A 594 -11.42 -22.87 -10.55
C LEU A 594 -10.16 -23.05 -11.39
N ASP A 595 -9.38 -21.98 -11.48
CA ASP A 595 -8.14 -21.90 -12.27
C ASP A 595 -6.89 -21.89 -11.39
N ILE A 596 -6.12 -22.98 -11.40
CA ILE A 596 -4.95 -23.08 -10.53
C ILE A 596 -3.63 -22.77 -11.23
N GLN A 597 -2.87 -21.85 -10.64
CA GLN A 597 -1.59 -21.42 -11.18
C GLN A 597 -0.45 -21.58 -10.15
N PRO A 598 0.79 -21.83 -10.58
CA PRO A 598 2.00 -21.87 -9.75
C PRO A 598 2.51 -20.47 -9.38
N ASP A 606 2.20 -12.95 -17.16
CA ASP A 606 1.28 -13.89 -16.53
C ASP A 606 0.10 -13.11 -15.94
N SER A 607 0.38 -11.87 -15.51
CA SER A 607 -0.67 -10.99 -15.02
C SER A 607 -1.62 -10.75 -16.17
N HIS A 608 -1.08 -10.54 -17.38
CA HIS A 608 -1.90 -10.32 -18.55
C HIS A 608 -2.74 -11.54 -18.87
N LYS A 609 -2.17 -12.74 -18.70
CA LYS A 609 -2.94 -13.96 -18.94
C LYS A 609 -4.11 -14.04 -17.96
N LYS A 610 -3.85 -13.71 -16.69
CA LYS A 610 -4.87 -13.71 -15.64
C LYS A 610 -5.98 -12.73 -15.97
N ILE A 611 -5.59 -11.53 -16.38
CA ILE A 611 -6.54 -10.51 -16.73
C ILE A 611 -7.37 -10.93 -17.90
N THR A 612 -6.72 -11.49 -18.91
CA THR A 612 -7.40 -11.91 -20.11
C THR A 612 -8.44 -12.95 -19.75
N ALA A 613 -8.07 -13.93 -18.93
CA ALA A 613 -9.01 -14.95 -18.55
C ALA A 613 -10.20 -14.38 -17.81
N GLN A 614 -9.94 -13.41 -16.93
CA GLN A 614 -11.02 -12.80 -16.18
C GLN A 614 -11.96 -12.02 -17.07
N ILE A 615 -11.41 -11.31 -18.06
CA ILE A 615 -12.26 -10.56 -18.96
C ILE A 615 -13.08 -11.52 -19.79
N LYS A 616 -12.46 -12.59 -20.32
CA LYS A 616 -13.24 -13.52 -21.12
C LYS A 616 -14.35 -14.13 -20.30
N PHE A 617 -14.05 -14.51 -19.06
CA PHE A 617 -15.08 -15.08 -18.22
C PHE A 617 -16.26 -14.19 -18.07
N LEU A 618 -16.00 -12.95 -17.66
CA LEU A 618 -17.10 -11.97 -17.42
C LEU A 618 -17.88 -11.74 -18.71
N TYR A 619 -17.19 -11.45 -19.82
CA TYR A 619 -17.90 -11.12 -21.09
C TYR A 619 -18.77 -12.31 -21.51
N GLU A 620 -18.26 -13.54 -21.33
CA GLU A 620 -19.06 -14.75 -21.67
C GLU A 620 -20.32 -14.77 -20.80
N GLU A 621 -20.17 -14.54 -19.49
CA GLU A 621 -21.34 -14.53 -18.57
C GLU A 621 -22.27 -13.36 -18.92
N LEU A 622 -21.71 -12.21 -19.32
CA LEU A 622 -22.54 -11.01 -19.60
C LEU A 622 -22.98 -10.99 -21.06
N GLY A 623 -22.53 -11.95 -21.88
CA GLY A 623 -22.99 -12.00 -23.26
C GLY A 623 -22.58 -10.77 -24.04
N LEU A 624 -21.38 -10.24 -23.74
CA LEU A 624 -20.95 -8.95 -24.35
C LEU A 624 -20.11 -9.12 -25.62
N ASP A 625 -19.58 -10.32 -25.92
CA ASP A 625 -18.65 -10.52 -27.08
C ASP A 625 -17.27 -9.94 -26.73
N SER A 626 -16.39 -9.69 -27.71
CA SER A 626 -15.03 -9.21 -27.35
C SER A 626 -14.32 -8.32 -28.38
N THR A 627 -14.07 -7.05 -28.05
CA THR A 627 -13.30 -6.15 -28.89
C THR A 627 -12.23 -5.50 -28.04
N SER A 628 -11.96 -6.10 -26.88
CA SER A 628 -11.07 -5.53 -25.88
C SER A 628 -9.61 -5.67 -26.23
N VAL A 629 -9.24 -4.94 -27.25
CA VAL A 629 -7.91 -4.93 -27.78
C VAL A 629 -7.18 -3.72 -27.23
N PHE A 630 -5.99 -3.93 -26.72
CA PHE A 630 -5.20 -2.83 -26.17
C PHE A 630 -3.71 -3.11 -26.28
N GLU A 631 -2.92 -2.05 -26.15
CA GLU A 631 -1.46 -2.09 -26.29
C GLU A 631 -0.67 -2.85 -25.23
N ASP A 632 -1.04 -2.72 -23.92
CA ASP A 632 -0.37 -3.37 -22.78
C ASP A 632 -0.77 -4.86 -22.75
#